data_4CK9
#
_entry.id   4CK9
#
_cell.length_a   62.953
_cell.length_b   62.953
_cell.length_c   222.435
_cell.angle_alpha   90.00
_cell.angle_beta   90.00
_cell.angle_gamma   120.00
#
_symmetry.space_group_name_H-M   'P 31 2 1'
#
loop_
_entity.id
_entity.type
_entity.pdbx_description
1 polymer 'STEROL 14-ALPHA DEMETHYLASE'
2 non-polymer 'PROTOPORPHYRIN IX CONTAINING FE'
3 non-polymer '(1S)-1-(4-chlorophenyl)-2-(1H-imidazol-1-yl)ethyl [4-(propan-2-yl)phenyl]carbamate'
4 water water
#
_entity_poly.entity_id   1
_entity_poly.type   'polypeptide(L)'
_entity_poly.pdbx_seq_one_letter_code
;AKKTPPVYPVTVPFLGHIVQFGKNPLEFMQRCKRDLKSGVFTISIGGQRVTIVGDPHEHSRFFSPRNEILSPREVYTIMT
PVFGEGVAYAAPYPRMREQLNFLAEELTIAKFQNFVPAIQHEVRKFMAENWKEDEGVINLLEDCGAMIINTACQCLFGED
LRKRLNARHFAQLLSKMESSLIPAAVFMPWLLRLPLPQSARCREARAELQKILGEIIVAREKEEASKDNNTSDLLGGLLK
AVYRDGTRMSLHEVCGMIVAAMFAGQHTSTITTSWSMLHLMHPKNKKWLDKLHKEIDEFPAQLNYDNVMDEMPFAERCVR
ESIRRDPPLLMVMRMVKAEVKVGSYVVPKGDIIACSPLLSHHDEEAFPNPRLWDPERDEKVDGAFIGFGAGVHKCIGQKF
ALLQVKTILATAFREYDFQLLRDEVPDPDYHTMVVGPTLNQCLVKYTRKKKLPSHHHHHH
;
_entity_poly.pdbx_strand_id   A
#
# COMPACT_ATOMS: atom_id res chain seq x y z
N LYS A 2 -4.61 18.39 31.63
CA LYS A 2 -4.97 17.16 32.32
C LYS A 2 -5.84 16.30 31.44
N LYS A 3 -6.18 16.82 30.28
CA LYS A 3 -7.02 16.06 29.40
C LYS A 3 -6.64 16.01 27.95
N THR A 4 -6.74 17.15 27.27
CA THR A 4 -6.85 17.08 25.84
C THR A 4 -6.07 18.04 24.99
N PRO A 5 -5.79 17.50 23.72
CA PRO A 5 -5.02 18.43 22.89
C PRO A 5 -5.85 19.39 22.08
N PRO A 6 -5.20 20.38 21.53
CA PRO A 6 -5.92 21.53 20.98
C PRO A 6 -6.83 21.19 19.80
N VAL A 7 -7.79 22.08 19.56
CA VAL A 7 -8.77 21.90 18.49
C VAL A 7 -8.59 23.02 17.46
N TYR A 8 -9.03 22.75 16.23
CA TYR A 8 -8.85 23.70 15.13
C TYR A 8 -10.15 24.42 14.80
N PRO A 9 -10.04 25.69 14.40
CA PRO A 9 -11.18 26.46 13.91
C PRO A 9 -11.94 25.76 12.79
N VAL A 10 -13.26 25.80 12.87
CA VAL A 10 -14.13 25.43 11.76
C VAL A 10 -15.12 26.56 11.51
N THR A 11 -15.22 27.01 10.27
CA THR A 11 -16.04 28.16 9.96
C THR A 11 -17.52 27.79 9.98
N VAL A 12 -17.87 26.70 9.31
CA VAL A 12 -19.22 26.15 9.34
C VAL A 12 -19.20 24.69 9.75
N PRO A 13 -20.04 24.31 10.73
CA PRO A 13 -19.83 23.00 11.35
C PRO A 13 -20.06 21.81 10.43
N PHE A 14 -21.24 21.72 9.83
CA PHE A 14 -21.64 20.51 9.12
C PHE A 14 -20.49 19.98 8.27
N LEU A 15 -19.81 20.89 7.57
CA LEU A 15 -18.71 20.54 6.68
C LEU A 15 -17.50 20.06 7.48
N GLY A 16 -17.25 20.73 8.60
CA GLY A 16 -16.03 20.51 9.37
C GLY A 16 -14.80 20.96 8.60
N HIS A 17 -13.97 20.01 8.20
CA HIS A 17 -12.74 20.30 7.48
C HIS A 17 -12.71 19.55 6.16
N ILE A 18 -13.89 19.20 5.66
CA ILE A 18 -14.04 18.14 4.68
C ILE A 18 -13.42 18.49 3.33
N VAL A 19 -13.72 19.69 2.83
CA VAL A 19 -13.10 20.16 1.60
C VAL A 19 -11.73 20.80 1.86
N GLN A 20 -11.51 21.23 3.09
CA GLN A 20 -10.22 21.81 3.46
C GLN A 20 -9.15 20.72 3.45
N PHE A 21 -9.55 19.52 3.88
CA PHE A 21 -8.72 18.33 3.76
C PHE A 21 -8.53 17.98 2.28
N GLY A 22 -9.65 17.87 1.58
CA GLY A 22 -9.67 17.29 0.24
C GLY A 22 -8.76 17.99 -0.74
N LYS A 23 -8.89 19.31 -0.84
CA LYS A 23 -8.10 20.07 -1.80
C LYS A 23 -6.63 19.69 -1.69
N ASN A 24 -6.07 19.87 -0.50
CA ASN A 24 -4.71 19.42 -0.22
C ASN A 24 -4.57 19.06 1.26
N PRO A 25 -4.53 17.75 1.54
CA PRO A 25 -4.47 17.24 2.92
C PRO A 25 -3.12 17.54 3.54
N LEU A 26 -2.09 17.61 2.72
CA LEU A 26 -0.74 17.89 3.18
C LEU A 26 -0.62 19.34 3.61
N GLU A 27 -0.86 20.25 2.65
CA GLU A 27 -0.91 21.68 2.96
C GLU A 27 -1.76 21.93 4.20
N PHE A 28 -2.98 21.42 4.19
CA PHE A 28 -3.92 21.61 5.29
C PHE A 28 -3.27 21.20 6.61
N MET A 29 -2.69 20.01 6.64
CA MET A 29 -2.10 19.47 7.86
C MET A 29 -0.82 20.22 8.23
N GLN A 30 0.04 20.46 7.25
CA GLN A 30 1.22 21.30 7.46
C GLN A 30 0.82 22.64 8.06
N ARG A 31 -0.31 23.17 7.60
CA ARG A 31 -0.83 24.43 8.11
C ARG A 31 -1.22 24.27 9.57
N CYS A 32 -2.19 23.39 9.81
CA CYS A 32 -2.73 23.16 11.14
C CYS A 32 -1.62 23.02 12.18
N LYS A 33 -0.62 22.21 11.85
CA LYS A 33 0.42 21.87 12.83
C LYS A 33 1.15 23.13 13.27
N ARG A 34 1.69 23.86 12.31
CA ARG A 34 2.37 25.12 12.57
C ARG A 34 1.44 26.10 13.29
N ASP A 35 0.23 26.26 12.76
CA ASP A 35 -0.68 27.30 13.23
C ASP A 35 -1.19 26.98 14.64
N LEU A 36 -1.28 25.68 14.93
CA LEU A 36 -1.79 25.22 16.21
C LEU A 36 -0.59 24.91 17.12
N LYS A 37 0.58 25.36 16.68
CA LYS A 37 1.82 25.21 17.42
C LYS A 37 1.95 23.84 18.11
N SER A 38 1.45 22.80 17.46
CA SER A 38 1.50 21.46 18.04
C SER A 38 1.52 20.38 16.96
N GLY A 39 2.45 19.45 17.11
CA GLY A 39 2.50 18.27 16.25
C GLY A 39 1.33 17.34 16.45
N VAL A 40 0.80 17.32 17.67
CA VAL A 40 -0.45 16.61 17.95
C VAL A 40 -1.60 17.59 18.07
N PHE A 41 -2.65 17.36 17.28
CA PHE A 41 -3.78 18.28 17.22
C PHE A 41 -5.06 17.53 16.82
N THR A 42 -6.20 18.15 17.09
CA THR A 42 -7.48 17.53 16.79
C THR A 42 -8.32 18.37 15.82
N ILE A 43 -8.44 17.89 14.59
CA ILE A 43 -9.38 18.47 13.64
C ILE A 43 -10.76 17.82 13.78
N SER A 44 -11.71 18.30 12.99
CA SER A 44 -13.08 17.82 13.10
C SER A 44 -13.71 17.66 11.72
N ILE A 45 -14.22 16.46 11.44
CA ILE A 45 -15.04 16.23 10.26
C ILE A 45 -16.48 15.95 10.63
N GLY A 46 -17.37 16.88 10.29
CA GLY A 46 -18.80 16.69 10.46
C GLY A 46 -19.25 16.67 11.90
N GLY A 47 -18.55 17.43 12.74
CA GLY A 47 -18.81 17.39 14.18
C GLY A 47 -18.35 16.07 14.74
N GLN A 48 -17.73 15.27 13.89
CA GLN A 48 -16.93 14.14 14.35
C GLN A 48 -15.50 14.58 14.62
N ARG A 49 -14.96 14.09 15.73
CA ARG A 49 -13.63 14.49 16.18
C ARG A 49 -12.55 13.60 15.58
N VAL A 50 -11.63 14.22 14.86
CA VAL A 50 -10.49 13.50 14.29
C VAL A 50 -9.19 14.10 14.82
N THR A 51 -8.61 13.46 15.83
CA THR A 51 -7.35 13.96 16.38
C THR A 51 -6.14 13.24 15.78
N ILE A 52 -5.32 14.02 15.09
CA ILE A 52 -4.18 13.49 14.33
C ILE A 52 -2.96 13.34 15.24
N VAL A 53 -2.15 12.31 15.00
CA VAL A 53 -0.87 12.18 15.68
C VAL A 53 0.29 12.46 14.73
N GLY A 54 0.77 13.71 14.76
CA GLY A 54 1.61 14.25 13.69
C GLY A 54 3.00 14.62 14.14
N ASP A 55 3.28 14.45 15.43
CA ASP A 55 4.63 14.61 15.96
C ASP A 55 5.30 13.25 16.06
N PRO A 56 6.37 13.05 15.28
CA PRO A 56 7.00 11.75 15.06
C PRO A 56 7.39 11.00 16.34
N HIS A 57 7.87 11.73 17.34
CA HIS A 57 8.33 11.13 18.59
C HIS A 57 7.27 10.30 19.28
N GLU A 58 6.02 10.47 18.86
CA GLU A 58 4.88 9.96 19.61
C GLU A 58 4.26 8.75 18.95
N HIS A 59 4.75 8.41 17.76
CA HIS A 59 4.18 7.33 16.97
C HIS A 59 3.95 6.09 17.84
N SER A 60 4.82 5.89 18.81
CA SER A 60 4.72 4.74 19.70
C SER A 60 3.33 4.69 20.31
N ARG A 61 2.79 5.88 20.59
CA ARG A 61 1.55 5.99 21.34
C ARG A 61 0.36 5.53 20.49
N PHE A 62 0.48 5.72 19.18
CA PHE A 62 -0.58 5.34 18.25
C PHE A 62 -0.49 3.86 17.86
N PHE A 63 0.74 3.39 17.63
CA PHE A 63 0.95 2.11 16.97
C PHE A 63 1.16 0.97 17.97
N SER A 64 1.41 1.33 19.23
CA SER A 64 1.79 0.35 20.25
C SER A 64 0.59 -0.34 20.88
N PRO A 65 -0.49 0.42 21.16
CA PRO A 65 -1.53 -0.23 21.96
C PRO A 65 -2.38 -1.23 21.20
N ARG A 66 -2.73 -2.31 21.88
CA ARG A 66 -3.50 -3.40 21.28
C ARG A 66 -4.91 -2.95 20.95
N ASN A 67 -5.57 -3.70 20.06
CA ASN A 67 -6.76 -3.22 19.38
C ASN A 67 -7.87 -2.76 20.34
N GLU A 68 -8.01 -3.46 21.45
CA GLU A 68 -8.99 -3.08 22.47
C GLU A 68 -8.84 -1.62 22.87
N ILE A 69 -7.60 -1.18 23.10
CA ILE A 69 -7.35 0.20 23.51
C ILE A 69 -7.44 1.12 22.30
N LEU A 70 -6.68 0.81 21.25
CA LEU A 70 -6.88 1.43 19.96
C LEU A 70 -7.42 0.43 18.94
N SER A 71 -8.67 0.64 18.53
CA SER A 71 -9.38 -0.32 17.68
C SER A 71 -9.62 0.26 16.28
N PRO A 72 -9.11 -0.44 15.26
CA PRO A 72 -9.20 0.00 13.87
C PRO A 72 -10.54 -0.30 13.21
N ARG A 73 -11.22 -1.36 13.66
CA ARG A 73 -12.36 -1.89 12.93
C ARG A 73 -13.32 -0.82 12.44
N GLU A 74 -13.91 -0.07 13.38
CA GLU A 74 -15.01 0.82 13.07
C GLU A 74 -14.63 1.89 12.05
N VAL A 75 -13.33 2.00 11.76
CA VAL A 75 -12.87 2.94 10.75
C VAL A 75 -12.86 2.27 9.37
N TYR A 76 -12.56 0.98 9.36
CA TYR A 76 -12.39 0.24 8.11
C TYR A 76 -13.63 -0.57 7.79
N THR A 77 -14.69 -0.40 8.58
CA THR A 77 -15.95 -1.09 8.34
C THR A 77 -16.26 -1.11 6.84
N ILE A 78 -15.76 -0.08 6.16
CA ILE A 78 -16.09 0.16 4.75
C ILE A 78 -15.81 -1.08 3.90
N MET A 79 -14.72 -1.76 4.21
CA MET A 79 -14.21 -2.84 3.38
C MET A 79 -15.01 -4.13 3.55
N THR A 80 -15.86 -4.18 4.58
CA THR A 80 -16.50 -5.42 4.96
C THR A 80 -17.11 -6.16 3.76
N PRO A 81 -17.74 -5.42 2.84
CA PRO A 81 -18.28 -6.11 1.67
C PRO A 81 -17.19 -6.62 0.73
N VAL A 82 -16.09 -5.87 0.60
CA VAL A 82 -14.99 -6.29 -0.26
C VAL A 82 -14.27 -7.50 0.34
N PHE A 83 -14.07 -7.45 1.66
CA PHE A 83 -13.31 -8.49 2.36
C PHE A 83 -14.22 -9.65 2.75
N GLY A 84 -15.44 -9.31 3.15
CA GLY A 84 -16.38 -10.29 3.64
C GLY A 84 -16.82 -9.96 5.06
N GLU A 85 -17.95 -10.54 5.46
CA GLU A 85 -18.57 -10.17 6.74
C GLU A 85 -18.10 -11.13 7.83
N GLY A 86 -16.91 -10.86 8.37
CA GLY A 86 -16.28 -11.75 9.33
C GLY A 86 -14.85 -12.06 8.91
N VAL A 87 -14.22 -11.09 8.27
CA VAL A 87 -12.83 -11.23 7.81
C VAL A 87 -12.05 -9.97 8.18
N ALA A 88 -10.75 -10.10 8.42
CA ALA A 88 -9.95 -8.94 8.71
C ALA A 88 -10.67 -8.19 9.80
N TYR A 89 -10.84 -6.88 9.66
CA TYR A 89 -11.45 -6.11 10.71
C TYR A 89 -12.85 -6.61 10.95
N ALA A 90 -13.54 -6.95 9.88
CA ALA A 90 -14.91 -7.45 9.96
C ALA A 90 -14.95 -8.75 10.76
N ALA A 91 -13.80 -9.40 10.89
CA ALA A 91 -13.65 -10.49 11.85
C ALA A 91 -13.35 -9.92 13.23
N PRO A 92 -13.72 -10.66 14.28
CA PRO A 92 -13.24 -10.29 15.62
C PRO A 92 -11.73 -10.45 15.70
N TYR A 93 -11.08 -9.67 16.56
CA TYR A 93 -9.64 -9.49 16.48
C TYR A 93 -8.90 -10.80 16.70
N PRO A 94 -9.23 -11.52 17.79
CA PRO A 94 -8.38 -12.67 18.11
C PRO A 94 -8.35 -13.64 16.93
N ARG A 95 -9.48 -13.78 16.25
CA ARG A 95 -9.59 -14.66 15.10
C ARG A 95 -8.90 -14.03 13.90
N MET A 96 -9.04 -12.72 13.78
CA MET A 96 -8.30 -11.95 12.78
C MET A 96 -6.80 -12.22 12.85
N ARG A 97 -6.27 -12.26 14.07
CA ARG A 97 -4.82 -12.42 14.25
C ARG A 97 -4.35 -13.68 13.54
N GLU A 98 -5.18 -14.71 13.63
CA GLU A 98 -4.93 -15.97 12.93
C GLU A 98 -4.84 -15.73 11.43
N GLN A 99 -5.80 -14.97 10.92
CA GLN A 99 -5.82 -14.61 9.51
C GLN A 99 -4.53 -13.92 9.10
N LEU A 100 -4.04 -13.01 9.92
CA LEU A 100 -2.83 -12.27 9.60
C LEU A 100 -1.62 -13.19 9.54
N ASN A 101 -1.47 -14.05 10.54
CA ASN A 101 -0.40 -15.03 10.56
C ASN A 101 -0.60 -16.11 9.49
N PHE A 102 -1.86 -16.42 9.21
CA PHE A 102 -2.20 -17.31 8.12
C PHE A 102 -1.64 -16.76 6.82
N LEU A 103 -1.98 -15.51 6.53
CA LEU A 103 -1.41 -14.78 5.40
C LEU A 103 0.11 -14.68 5.54
N ALA A 104 0.58 -14.43 6.76
CA ALA A 104 1.99 -14.18 7.01
C ALA A 104 2.83 -15.42 6.74
N GLU A 105 2.22 -16.59 6.88
CA GLU A 105 2.93 -17.85 6.68
C GLU A 105 2.98 -18.22 5.20
N GLU A 106 2.52 -17.31 4.35
CA GLU A 106 2.58 -17.51 2.90
C GLU A 106 3.56 -16.53 2.28
N LEU A 107 3.54 -15.29 2.77
CA LEU A 107 4.59 -14.34 2.44
C LEU A 107 5.84 -14.69 3.24
N THR A 108 5.74 -15.72 4.06
CA THR A 108 6.91 -16.25 4.73
C THR A 108 7.99 -16.40 3.67
N ILE A 109 9.22 -16.10 4.07
CA ILE A 109 10.35 -16.11 3.16
C ILE A 109 10.74 -17.56 2.87
N ALA A 110 9.83 -18.46 3.22
CA ALA A 110 9.89 -19.85 2.78
C ALA A 110 9.55 -19.93 1.30
N LYS A 111 8.55 -19.16 0.88
CA LYS A 111 7.97 -19.30 -0.46
C LYS A 111 8.53 -18.26 -1.43
N PHE A 112 9.46 -17.44 -0.95
CA PHE A 112 10.03 -16.36 -1.75
C PHE A 112 11.08 -16.83 -2.74
N GLN A 113 11.36 -18.13 -2.75
CA GLN A 113 12.51 -18.64 -3.50
C GLN A 113 12.22 -18.79 -5.00
N ASN A 114 10.96 -19.03 -5.34
CA ASN A 114 10.56 -19.12 -6.75
C ASN A 114 9.86 -17.85 -7.21
N PHE A 115 9.95 -16.79 -6.41
CA PHE A 115 9.27 -15.55 -6.71
C PHE A 115 10.07 -14.68 -7.68
N VAL A 116 11.29 -14.35 -7.29
CA VAL A 116 12.16 -13.50 -8.09
C VAL A 116 12.21 -13.98 -9.54
N PRO A 117 12.72 -15.19 -9.77
CA PRO A 117 12.78 -15.64 -11.16
C PRO A 117 11.40 -15.65 -11.79
N ALA A 118 10.37 -15.70 -10.94
CA ALA A 118 9.00 -15.74 -11.41
C ALA A 118 8.47 -14.38 -11.86
N ILE A 119 8.67 -13.36 -11.03
CA ILE A 119 8.18 -12.03 -11.42
C ILE A 119 9.03 -11.44 -12.54
N GLN A 120 10.32 -11.75 -12.54
CA GLN A 120 11.23 -11.21 -13.55
C GLN A 120 10.72 -11.60 -14.94
N HIS A 121 10.71 -12.90 -15.20
CA HIS A 121 10.14 -13.42 -16.44
C HIS A 121 8.84 -12.70 -16.79
N GLU A 122 8.08 -12.33 -15.77
CA GLU A 122 6.76 -11.74 -15.98
C GLU A 122 6.87 -10.30 -16.46
N VAL A 123 7.92 -9.62 -16.00
CA VAL A 123 8.13 -8.22 -16.35
C VAL A 123 8.46 -8.13 -17.84
N ARG A 124 9.31 -9.05 -18.28
CA ARG A 124 9.68 -9.17 -19.69
C ARG A 124 8.47 -9.46 -20.57
N LYS A 125 7.67 -10.44 -20.18
CA LYS A 125 6.53 -10.88 -20.98
C LYS A 125 5.59 -9.72 -21.34
N PHE A 126 5.45 -8.76 -20.41
CA PHE A 126 4.64 -7.58 -20.67
C PHE A 126 5.39 -6.59 -21.54
N MET A 127 6.67 -6.40 -21.23
CA MET A 127 7.52 -5.46 -21.94
C MET A 127 7.58 -5.80 -23.43
N ALA A 128 8.00 -7.04 -23.73
CA ALA A 128 8.18 -7.46 -25.10
C ALA A 128 6.87 -7.45 -25.88
N GLU A 129 5.75 -7.42 -25.17
CA GLU A 129 4.44 -7.51 -25.81
C GLU A 129 3.67 -6.19 -25.80
N ASN A 130 4.02 -5.31 -24.86
CA ASN A 130 3.37 -4.00 -24.78
C ASN A 130 4.34 -2.86 -25.05
N TRP A 131 5.59 -3.04 -24.63
CA TRP A 131 6.67 -2.13 -25.01
C TRP A 131 7.40 -2.71 -26.21
N LYS A 132 6.91 -2.38 -27.40
CA LYS A 132 7.29 -3.10 -28.61
C LYS A 132 8.43 -2.38 -29.34
N GLU A 133 8.31 -1.06 -29.44
CA GLU A 133 9.25 -0.26 -30.23
C GLU A 133 10.47 0.16 -29.41
N ASP A 134 11.51 0.61 -30.11
CA ASP A 134 12.68 1.20 -29.46
C ASP A 134 12.43 2.69 -29.26
N GLU A 135 11.17 3.07 -29.45
CA GLU A 135 10.71 4.43 -29.24
C GLU A 135 9.36 4.29 -28.56
N GLY A 136 9.12 5.04 -27.49
CA GLY A 136 8.18 4.59 -26.48
C GLY A 136 7.03 5.47 -26.03
N VAL A 137 5.92 4.79 -25.74
CA VAL A 137 4.83 5.36 -24.95
C VAL A 137 4.56 4.51 -23.71
N ILE A 138 4.39 5.17 -22.58
CA ILE A 138 3.91 4.54 -21.36
C ILE A 138 3.08 5.53 -20.54
N ASN A 139 1.89 5.12 -20.13
CA ASN A 139 1.25 5.73 -18.97
C ASN A 139 1.69 4.98 -17.72
N LEU A 140 2.91 5.27 -17.27
CA LEU A 140 3.63 4.38 -16.37
C LEU A 140 2.76 3.88 -15.22
N LEU A 141 1.93 4.79 -14.70
CA LEU A 141 1.04 4.46 -13.59
C LEU A 141 0.11 3.30 -13.95
N GLU A 142 -0.41 3.31 -15.18
CA GLU A 142 -1.32 2.25 -15.60
C GLU A 142 -0.57 1.02 -16.08
N ASP A 143 0.65 1.21 -16.58
CA ASP A 143 1.46 0.11 -17.08
C ASP A 143 2.08 -0.66 -15.92
N CYS A 144 2.44 0.07 -14.87
CA CYS A 144 2.90 -0.54 -13.63
C CYS A 144 1.73 -1.21 -12.91
N GLY A 145 0.53 -0.67 -13.12
CA GLY A 145 -0.68 -1.23 -12.54
C GLY A 145 -0.83 -2.71 -12.85
N ALA A 146 -0.50 -3.07 -14.09
CA ALA A 146 -0.60 -4.46 -14.53
C ALA A 146 0.66 -5.24 -14.20
N MET A 147 1.80 -4.75 -14.69
CA MET A 147 3.09 -5.37 -14.40
C MET A 147 3.15 -5.79 -12.92
N ILE A 148 2.47 -5.03 -12.08
CA ILE A 148 2.43 -5.35 -10.66
C ILE A 148 1.47 -6.51 -10.42
N ILE A 149 0.22 -6.33 -10.84
CA ILE A 149 -0.82 -7.33 -10.62
C ILE A 149 -0.55 -8.59 -11.44
N ASN A 150 0.21 -8.45 -12.52
CA ASN A 150 0.63 -9.60 -13.30
C ASN A 150 1.63 -10.47 -12.55
N THR A 151 2.73 -9.88 -12.11
CA THR A 151 3.80 -10.61 -11.46
C THR A 151 3.35 -11.23 -10.14
N ALA A 152 2.34 -10.63 -9.52
CA ALA A 152 1.92 -11.02 -8.19
C ALA A 152 1.04 -12.26 -8.27
N CYS A 153 -0.07 -12.13 -8.98
CA CYS A 153 -0.84 -13.29 -9.43
C CYS A 153 0.10 -14.42 -9.84
N GLN A 154 1.07 -14.09 -10.67
CA GLN A 154 2.06 -15.06 -11.13
C GLN A 154 2.74 -15.71 -9.93
N CYS A 155 2.93 -14.92 -8.88
CA CYS A 155 3.70 -15.34 -7.71
C CYS A 155 2.83 -16.12 -6.73
N LEU A 156 1.55 -15.77 -6.66
CA LEU A 156 0.66 -16.32 -5.64
C LEU A 156 -0.46 -17.18 -6.21
N PHE A 157 -0.83 -16.92 -7.46
CA PHE A 157 -1.84 -17.72 -8.14
C PHE A 157 -1.21 -18.95 -8.78
N GLY A 158 -1.78 -20.12 -8.50
CA GLY A 158 -1.24 -21.38 -9.00
C GLY A 158 -1.60 -21.63 -10.45
N GLU A 159 -0.74 -22.37 -11.16
CA GLU A 159 -0.91 -22.58 -12.59
C GLU A 159 -2.36 -22.90 -12.94
N ASP A 160 -2.97 -23.80 -12.17
CA ASP A 160 -4.34 -24.23 -12.41
C ASP A 160 -5.32 -23.10 -12.09
N LEU A 161 -4.84 -22.09 -11.36
CA LEU A 161 -5.68 -21.01 -10.87
C LEU A 161 -5.77 -19.90 -11.91
N ARG A 162 -4.64 -19.59 -12.53
CA ARG A 162 -4.53 -18.42 -13.39
C ARG A 162 -5.17 -18.65 -14.75
N LYS A 163 -4.99 -19.86 -15.28
CA LYS A 163 -5.65 -20.25 -16.51
C LYS A 163 -7.13 -19.87 -16.43
N ARG A 164 -7.76 -20.27 -15.33
CA ARG A 164 -9.16 -19.96 -15.07
C ARG A 164 -9.38 -18.47 -14.93
N LEU A 165 -8.49 -17.82 -14.17
CA LEU A 165 -8.67 -16.44 -13.77
C LEU A 165 -7.41 -15.65 -14.09
N ASN A 166 -7.32 -15.21 -15.35
CA ASN A 166 -6.15 -14.49 -15.84
C ASN A 166 -5.80 -13.31 -14.94
N ALA A 167 -4.52 -13.01 -14.85
CA ALA A 167 -4.06 -11.78 -14.21
C ALA A 167 -4.75 -10.58 -14.83
N ARG A 168 -4.68 -10.50 -16.16
CA ARG A 168 -5.19 -9.35 -16.90
C ARG A 168 -6.56 -8.92 -16.41
N HIS A 169 -7.40 -9.88 -16.05
CA HIS A 169 -8.80 -9.59 -15.73
C HIS A 169 -9.19 -9.96 -14.32
N PHE A 170 -8.25 -10.44 -13.51
CA PHE A 170 -8.49 -10.52 -12.07
C PHE A 170 -8.57 -9.09 -11.55
N ALA A 171 -7.69 -8.25 -12.10
CA ALA A 171 -7.76 -6.80 -11.90
C ALA A 171 -9.20 -6.33 -12.09
N GLN A 172 -9.81 -6.75 -13.20
CA GLN A 172 -11.17 -6.35 -13.53
C GLN A 172 -12.14 -6.58 -12.37
N LEU A 173 -11.96 -7.69 -11.65
CA LEU A 173 -12.80 -7.97 -10.49
C LEU A 173 -12.43 -7.05 -9.35
N LEU A 174 -11.12 -7.01 -9.04
CA LEU A 174 -10.61 -6.08 -8.03
C LEU A 174 -11.13 -4.67 -8.28
N SER A 175 -10.99 -4.20 -9.52
CA SER A 175 -11.32 -2.84 -9.85
C SER A 175 -12.81 -2.69 -10.11
N LYS A 176 -13.57 -3.71 -9.73
CA LYS A 176 -15.03 -3.62 -9.68
C LYS A 176 -15.46 -3.77 -8.23
N MET A 177 -14.59 -4.36 -7.42
CA MET A 177 -14.80 -4.44 -5.98
C MET A 177 -14.53 -3.11 -5.28
N GLU A 178 -13.44 -2.45 -5.68
CA GLU A 178 -13.04 -1.20 -5.06
C GLU A 178 -14.02 -0.08 -5.39
N SER A 179 -14.55 -0.08 -6.61
CA SER A 179 -15.45 0.98 -7.05
C SER A 179 -16.60 1.13 -6.07
N SER A 180 -16.87 0.06 -5.32
CA SER A 180 -17.81 0.12 -4.21
C SER A 180 -17.34 1.15 -3.20
N LEU A 181 -16.04 1.13 -2.93
CA LEU A 181 -15.44 2.02 -1.94
C LEU A 181 -15.24 3.42 -2.50
N ILE A 182 -15.92 4.36 -1.86
CA ILE A 182 -16.08 5.73 -2.30
C ILE A 182 -15.67 6.69 -1.22
N PRO A 183 -15.67 8.03 -1.63
CA PRO A 183 -15.11 8.94 -0.62
C PRO A 183 -16.04 9.10 0.56
N ALA A 184 -15.54 9.75 1.60
CA ALA A 184 -16.37 10.29 2.67
C ALA A 184 -17.21 9.26 3.35
N ALA A 185 -16.60 8.11 3.66
CA ALA A 185 -17.38 7.06 4.29
C ALA A 185 -16.77 6.65 5.64
N VAL A 186 -15.57 7.12 5.91
CA VAL A 186 -14.83 6.74 7.11
C VAL A 186 -15.40 7.43 8.34
N PHE A 187 -16.27 8.40 8.12
CA PHE A 187 -16.80 9.22 9.22
C PHE A 187 -18.29 9.49 9.09
N MET A 188 -18.96 8.82 8.16
CA MET A 188 -20.41 8.95 8.02
C MET A 188 -21.12 7.73 8.59
N LEU A 196 -27.99 -0.80 -2.01
CA LEU A 196 -27.10 -0.11 -2.94
C LEU A 196 -26.78 -1.02 -4.13
N PRO A 197 -27.00 -0.52 -5.35
CA PRO A 197 -26.59 -1.30 -6.52
C PRO A 197 -25.16 -1.80 -6.39
N GLN A 198 -24.25 -0.94 -5.96
CA GLN A 198 -22.84 -1.26 -5.86
C GLN A 198 -22.56 -2.30 -4.77
N SER A 199 -23.32 -2.24 -3.67
CA SER A 199 -23.21 -3.26 -2.63
C SER A 199 -23.41 -4.62 -3.30
N ALA A 200 -24.41 -4.65 -4.17
CA ALA A 200 -24.61 -5.73 -5.13
C ALA A 200 -23.60 -5.67 -6.28
N ARG A 201 -23.44 -4.48 -6.86
CA ARG A 201 -22.62 -4.36 -8.07
C ARG A 201 -21.24 -4.91 -7.75
N CYS A 202 -20.90 -4.89 -6.47
CA CYS A 202 -19.60 -5.36 -6.02
C CYS A 202 -19.72 -6.76 -5.44
N ARG A 203 -20.80 -6.99 -4.70
CA ARG A 203 -21.13 -8.32 -4.19
C ARG A 203 -21.10 -9.33 -5.33
N GLU A 204 -21.57 -8.91 -6.49
CA GLU A 204 -21.65 -9.81 -7.66
C GLU A 204 -20.26 -10.24 -8.07
N ALA A 205 -19.33 -9.29 -8.12
CA ALA A 205 -17.96 -9.57 -8.54
C ALA A 205 -17.24 -10.45 -7.52
N ARG A 206 -17.73 -10.43 -6.29
CA ARG A 206 -17.14 -11.20 -5.20
C ARG A 206 -17.72 -12.61 -5.16
N ALA A 207 -19.05 -12.68 -5.17
CA ALA A 207 -19.74 -13.96 -5.35
C ALA A 207 -19.29 -14.64 -6.64
N GLU A 208 -18.97 -13.84 -7.66
CA GLU A 208 -18.43 -14.40 -8.90
C GLU A 208 -17.10 -15.07 -8.61
N LEU A 209 -16.10 -14.26 -8.25
CA LEU A 209 -14.78 -14.75 -7.91
C LEU A 209 -14.85 -15.95 -6.97
N GLN A 210 -15.80 -15.90 -6.03
CA GLN A 210 -15.88 -16.94 -5.01
C GLN A 210 -16.22 -18.28 -5.64
N LYS A 211 -17.27 -18.30 -6.48
CA LYS A 211 -17.64 -19.53 -7.17
C LYS A 211 -16.57 -19.92 -8.20
N ILE A 212 -15.99 -18.94 -8.87
CA ILE A 212 -14.81 -19.20 -9.68
C ILE A 212 -13.80 -19.99 -8.86
N LEU A 213 -13.80 -19.73 -7.55
CA LEU A 213 -12.82 -20.31 -6.64
C LEU A 213 -13.26 -21.69 -6.16
N GLY A 214 -14.44 -21.75 -5.55
CA GLY A 214 -14.96 -22.99 -4.99
C GLY A 214 -15.06 -24.08 -6.04
N GLU A 215 -15.02 -23.66 -7.30
CA GLU A 215 -15.08 -24.60 -8.42
C GLU A 215 -13.69 -25.13 -8.76
N ILE A 216 -12.66 -24.52 -8.17
CA ILE A 216 -11.28 -24.94 -8.40
C ILE A 216 -10.85 -25.93 -7.32
N ILE A 217 -11.38 -25.78 -6.12
CA ILE A 217 -11.01 -26.65 -5.01
C ILE A 217 -11.54 -28.06 -5.23
N VAL A 218 -12.75 -28.18 -5.75
CA VAL A 218 -13.27 -29.47 -6.16
C VAL A 218 -12.28 -30.19 -7.08
N ALA A 219 -11.70 -29.45 -8.02
CA ALA A 219 -10.70 -30.01 -8.91
C ALA A 219 -9.37 -30.20 -8.19
N ARG A 220 -9.22 -29.55 -7.05
CA ARG A 220 -8.01 -29.65 -6.24
C ARG A 220 -8.05 -30.94 -5.41
N GLU A 221 -9.22 -31.21 -4.84
CA GLU A 221 -9.40 -32.34 -3.92
C GLU A 221 -9.35 -33.64 -4.69
N LYS A 222 -10.23 -33.76 -5.66
CA LYS A 222 -10.32 -34.98 -6.42
C LYS A 222 -9.19 -34.90 -7.40
N GLU A 223 -8.01 -35.01 -6.86
CA GLU A 223 -6.79 -35.05 -7.66
C GLU A 223 -5.69 -35.79 -6.90
N SER A 232 2.83 -25.45 -3.50
CA SER A 232 1.42 -25.04 -3.46
C SER A 232 1.29 -23.54 -3.18
N ASP A 233 0.17 -22.97 -3.61
CA ASP A 233 0.04 -21.52 -3.72
C ASP A 233 -0.64 -20.91 -2.48
N LEU A 234 -0.67 -19.58 -2.44
CA LEU A 234 -1.37 -18.85 -1.40
C LEU A 234 -2.67 -19.54 -1.02
N LEU A 235 -3.49 -19.85 -2.03
CA LEU A 235 -4.77 -20.50 -1.80
C LEU A 235 -4.53 -21.88 -1.18
N GLY A 236 -3.62 -22.64 -1.79
CA GLY A 236 -3.19 -23.92 -1.24
C GLY A 236 -2.95 -23.86 0.26
N GLY A 237 -2.04 -22.98 0.68
CA GLY A 237 -1.72 -22.83 2.09
C GLY A 237 -2.92 -22.41 2.90
N LEU A 238 -3.73 -21.53 2.33
CA LEU A 238 -4.89 -20.96 3.02
C LEU A 238 -5.90 -22.02 3.42
N LEU A 239 -6.15 -23.00 2.55
CA LEU A 239 -7.15 -24.03 2.85
C LEU A 239 -6.61 -25.06 3.83
N LYS A 240 -5.29 -25.23 3.84
CA LYS A 240 -4.62 -26.13 4.78
C LYS A 240 -4.52 -25.52 6.17
N ALA A 241 -5.20 -24.40 6.38
CA ALA A 241 -5.10 -23.67 7.64
C ALA A 241 -6.25 -24.04 8.58
N VAL A 242 -5.92 -24.32 9.83
CA VAL A 242 -6.94 -24.58 10.84
C VAL A 242 -6.81 -23.64 12.03
N TYR A 243 -7.94 -23.08 12.45
CA TYR A 243 -7.96 -22.08 13.52
C TYR A 243 -7.61 -22.70 14.86
N ARG A 244 -7.65 -21.87 15.90
CA ARG A 244 -7.37 -22.29 17.27
C ARG A 244 -8.32 -23.39 17.72
N ASP A 245 -9.61 -23.19 17.49
CA ASP A 245 -10.62 -24.19 17.80
C ASP A 245 -10.80 -25.19 16.66
N GLY A 246 -9.69 -25.57 16.04
CA GLY A 246 -9.68 -26.66 15.06
C GLY A 246 -10.71 -26.51 13.96
N THR A 247 -11.10 -25.27 13.70
CA THR A 247 -12.00 -24.96 12.59
C THR A 247 -11.18 -24.71 11.33
N ARG A 248 -11.81 -24.86 10.18
CA ARG A 248 -11.20 -24.43 8.92
C ARG A 248 -12.00 -23.27 8.33
N MET A 249 -11.32 -22.41 7.59
CA MET A 249 -11.94 -21.22 7.02
C MET A 249 -12.99 -21.60 5.98
N SER A 250 -14.20 -21.07 6.15
CA SER A 250 -15.29 -21.31 5.21
C SER A 250 -14.91 -20.85 3.81
N LEU A 251 -15.67 -21.29 2.81
CA LEU A 251 -15.43 -20.91 1.43
C LEU A 251 -15.14 -19.41 1.33
N HIS A 252 -16.12 -18.61 1.74
CA HIS A 252 -16.11 -17.18 1.48
C HIS A 252 -15.18 -16.43 2.43
N GLU A 253 -14.67 -17.13 3.44
CA GLU A 253 -13.70 -16.55 4.36
C GLU A 253 -12.33 -16.47 3.70
N VAL A 254 -11.88 -17.63 3.21
CA VAL A 254 -10.66 -17.70 2.42
C VAL A 254 -10.73 -16.78 1.20
N CYS A 255 -11.89 -16.80 0.52
CA CYS A 255 -12.07 -15.98 -0.66
C CYS A 255 -11.59 -14.55 -0.39
N GLY A 256 -11.97 -14.01 0.76
CA GLY A 256 -11.72 -12.62 1.08
C GLY A 256 -10.24 -12.32 1.29
N MET A 257 -9.56 -13.20 2.00
CA MET A 257 -8.14 -12.99 2.31
C MET A 257 -7.30 -12.93 1.04
N ILE A 258 -7.74 -13.66 0.02
CA ILE A 258 -7.10 -13.56 -1.29
C ILE A 258 -7.35 -12.17 -1.85
N VAL A 259 -8.62 -11.80 -1.92
CA VAL A 259 -9.01 -10.44 -2.29
C VAL A 259 -8.16 -9.42 -1.54
N ALA A 260 -8.04 -9.61 -0.22
CA ALA A 260 -7.42 -8.61 0.64
C ALA A 260 -5.90 -8.62 0.47
N ALA A 261 -5.32 -9.81 0.44
CA ALA A 261 -3.92 -9.96 0.07
C ALA A 261 -3.60 -9.20 -1.20
N MET A 262 -4.51 -9.28 -2.18
CA MET A 262 -4.20 -8.82 -3.53
C MET A 262 -4.63 -7.37 -3.74
N PHE A 263 -5.74 -6.99 -3.12
CA PHE A 263 -6.13 -5.59 -3.06
C PHE A 263 -4.99 -4.74 -2.52
N ALA A 264 -4.44 -5.15 -1.38
CA ALA A 264 -3.44 -4.35 -0.68
C ALA A 264 -2.18 -4.16 -1.50
N GLY A 265 -1.82 -5.18 -2.26
CA GLY A 265 -0.60 -5.15 -3.08
C GLY A 265 -0.71 -4.24 -4.30
N GLN A 266 -1.90 -4.19 -4.90
CA GLN A 266 -2.05 -3.75 -6.28
C GLN A 266 -1.76 -2.26 -6.48
N HIS A 267 -2.28 -1.42 -5.61
CA HIS A 267 -2.20 0.02 -5.83
C HIS A 267 -0.95 0.61 -5.20
N THR A 268 -0.82 0.38 -3.89
CA THR A 268 0.38 0.76 -3.14
C THR A 268 1.65 0.46 -3.92
N SER A 269 1.80 -0.80 -4.30
CA SER A 269 3.03 -1.28 -4.92
C SER A 269 3.17 -0.79 -6.37
N THR A 270 2.04 -0.64 -7.05
CA THR A 270 2.03 -0.02 -8.37
C THR A 270 2.53 1.42 -8.25
N ILE A 271 1.82 2.20 -7.45
CA ILE A 271 2.21 3.56 -7.09
C ILE A 271 3.67 3.63 -6.63
N THR A 272 4.02 2.80 -5.65
CA THR A 272 5.37 2.80 -5.10
C THR A 272 6.38 2.59 -6.22
N THR A 273 6.06 1.68 -7.14
CA THR A 273 6.96 1.39 -8.24
C THR A 273 7.02 2.56 -9.23
N SER A 274 5.87 3.15 -9.54
CA SER A 274 5.83 4.29 -10.45
C SER A 274 6.56 5.49 -9.83
N TRP A 275 6.06 5.98 -8.70
CA TRP A 275 6.76 7.03 -7.97
C TRP A 275 8.26 6.75 -8.01
N SER A 276 8.63 5.49 -7.80
CA SER A 276 10.03 5.09 -7.79
C SER A 276 10.69 5.35 -9.14
N MET A 277 10.18 4.73 -10.20
CA MET A 277 10.77 4.86 -11.52
C MET A 277 10.94 6.34 -11.87
N LEU A 278 9.85 7.10 -11.67
CA LEU A 278 9.83 8.52 -11.98
C LEU A 278 11.07 9.26 -11.48
N HIS A 279 11.29 9.24 -10.16
CA HIS A 279 12.41 9.99 -9.59
C HIS A 279 13.71 9.59 -10.26
N LEU A 280 13.90 8.30 -10.50
CA LEU A 280 15.14 7.81 -11.07
C LEU A 280 15.33 8.22 -12.52
N MET A 281 14.27 8.15 -13.31
CA MET A 281 14.36 8.55 -14.72
C MET A 281 14.59 10.05 -14.82
N HIS A 282 14.22 10.79 -13.78
CA HIS A 282 14.33 12.24 -13.82
C HIS A 282 15.78 12.69 -13.89
N PRO A 283 16.07 13.65 -14.78
CA PRO A 283 17.41 14.22 -14.92
C PRO A 283 17.91 14.82 -13.61
N LYS A 284 16.99 15.41 -12.84
CA LYS A 284 17.32 15.89 -11.50
C LYS A 284 18.02 14.82 -10.66
N ASN A 285 17.61 13.56 -10.82
CA ASN A 285 18.01 12.51 -9.88
C ASN A 285 18.90 11.41 -10.45
N LYS A 286 19.71 11.71 -11.46
CA LYS A 286 20.30 10.63 -12.26
C LYS A 286 21.71 10.20 -11.85
N LYS A 287 22.25 10.77 -10.77
CA LYS A 287 23.41 10.18 -10.13
C LYS A 287 22.97 8.96 -9.34
N TRP A 288 21.73 9.01 -8.84
CA TRP A 288 21.10 7.86 -8.22
C TRP A 288 20.89 6.76 -9.25
N LEU A 289 20.29 7.13 -10.38
CA LEU A 289 20.00 6.18 -11.45
C LEU A 289 21.25 5.40 -11.83
N ASP A 290 22.39 6.07 -11.83
CA ASP A 290 23.66 5.43 -12.19
C ASP A 290 24.30 4.78 -10.97
N LYS A 291 23.79 5.09 -9.79
CA LYS A 291 24.20 4.39 -8.58
C LYS A 291 23.43 3.08 -8.51
N LEU A 292 22.16 3.13 -8.92
CA LEU A 292 21.41 1.93 -9.25
C LEU A 292 22.20 1.05 -10.21
N HIS A 293 22.78 1.66 -11.24
CA HIS A 293 23.44 0.89 -12.29
C HIS A 293 24.73 0.24 -11.78
N LYS A 294 25.56 1.00 -11.08
CA LYS A 294 26.73 0.44 -10.44
C LYS A 294 26.32 -0.69 -9.49
N GLU A 295 25.04 -0.73 -9.13
CA GLU A 295 24.54 -1.80 -8.27
C GLU A 295 24.07 -3.01 -9.07
N ILE A 296 23.28 -2.80 -10.11
CA ILE A 296 22.61 -3.90 -10.79
C ILE A 296 23.27 -4.34 -12.09
N ASP A 297 24.39 -3.72 -12.46
CA ASP A 297 24.98 -3.95 -13.78
C ASP A 297 25.61 -5.33 -13.89
N GLU A 298 26.52 -5.63 -12.98
CA GLU A 298 27.24 -6.90 -12.99
C GLU A 298 26.31 -8.09 -12.72
N PHE A 299 25.10 -7.79 -12.27
CA PHE A 299 24.06 -8.81 -12.18
C PHE A 299 23.58 -9.16 -13.58
N PRO A 300 23.30 -10.45 -13.82
CA PRO A 300 22.87 -10.91 -15.13
C PRO A 300 21.35 -11.04 -15.21
N ALA A 301 20.85 -11.50 -16.36
CA ALA A 301 19.44 -11.84 -16.50
C ALA A 301 19.01 -12.76 -15.37
N GLN A 302 19.94 -13.55 -14.86
CA GLN A 302 19.63 -14.61 -13.90
C GLN A 302 19.45 -14.05 -12.50
N LEU A 303 18.24 -13.58 -12.22
CA LEU A 303 17.94 -12.95 -10.94
C LEU A 303 17.61 -14.00 -9.89
N ASN A 304 18.53 -14.20 -8.94
CA ASN A 304 18.24 -15.04 -7.78
C ASN A 304 17.97 -14.20 -6.53
N TYR A 305 17.41 -14.86 -5.53
CA TYR A 305 16.82 -14.19 -4.37
C TYR A 305 17.89 -13.47 -3.54
N ASP A 306 19.07 -14.07 -3.45
CA ASP A 306 20.21 -13.44 -2.80
C ASP A 306 20.50 -12.07 -3.44
N ASN A 307 20.35 -12.01 -4.76
CA ASN A 307 20.64 -10.78 -5.49
C ASN A 307 19.72 -9.64 -5.08
N VAL A 308 18.42 -9.84 -5.26
CA VAL A 308 17.43 -8.86 -4.84
C VAL A 308 17.62 -8.53 -3.36
N MET A 309 17.68 -9.59 -2.55
CA MET A 309 17.57 -9.45 -1.09
C MET A 309 18.88 -9.01 -0.47
N ASP A 310 19.96 -9.75 -0.74
CA ASP A 310 21.21 -9.59 -0.01
C ASP A 310 22.06 -8.48 -0.62
N GLU A 311 21.84 -8.20 -1.90
CA GLU A 311 22.74 -7.34 -2.67
C GLU A 311 22.01 -6.29 -3.50
N MET A 312 20.99 -5.67 -2.92
CA MET A 312 20.27 -4.60 -3.60
C MET A 312 19.89 -3.49 -2.62
N PRO A 313 20.78 -3.20 -1.65
CA PRO A 313 20.39 -2.27 -0.59
C PRO A 313 20.13 -0.85 -1.09
N PHE A 314 20.95 -0.35 -2.00
CA PHE A 314 20.77 1.00 -2.48
C PHE A 314 19.41 1.14 -3.16
N ALA A 315 19.12 0.20 -4.07
CA ALA A 315 17.86 0.20 -4.78
C ALA A 315 16.70 0.17 -3.80
N GLU A 316 16.89 -0.53 -2.69
CA GLU A 316 15.87 -0.61 -1.65
C GLU A 316 15.62 0.77 -1.05
N ARG A 317 16.71 1.51 -0.82
CA ARG A 317 16.62 2.85 -0.27
C ARG A 317 15.76 3.76 -1.15
N CYS A 318 16.02 3.74 -2.45
CA CYS A 318 15.25 4.50 -3.41
C CYS A 318 13.75 4.26 -3.21
N VAL A 319 13.38 2.98 -3.23
CA VAL A 319 11.98 2.59 -3.14
C VAL A 319 11.40 3.10 -1.83
N ARG A 320 12.20 2.99 -0.77
CA ARG A 320 11.82 3.47 0.54
C ARG A 320 11.71 4.99 0.60
N GLU A 321 12.60 5.68 -0.11
CA GLU A 321 12.55 7.13 -0.15
C GLU A 321 11.36 7.59 -0.98
N SER A 322 11.08 6.84 -2.05
CA SER A 322 9.86 7.03 -2.82
C SER A 322 8.65 7.01 -1.90
N ILE A 323 8.53 5.93 -1.12
CA ILE A 323 7.39 5.78 -0.21
C ILE A 323 7.44 6.85 0.87
N ARG A 324 8.65 7.19 1.30
CA ARG A 324 8.84 8.26 2.28
C ARG A 324 8.23 9.56 1.78
N ARG A 325 8.74 10.06 0.66
CA ARG A 325 8.27 11.31 0.09
C ARG A 325 6.74 11.26 -0.03
N ASP A 326 6.26 10.40 -0.92
CA ASP A 326 4.83 10.25 -1.13
C ASP A 326 4.34 8.86 -0.70
N PRO A 327 3.95 8.74 0.57
CA PRO A 327 3.25 7.55 1.06
C PRO A 327 1.90 7.37 0.37
N PRO A 328 1.67 6.18 -0.21
CA PRO A 328 0.41 5.90 -0.88
C PRO A 328 -0.79 5.86 0.07
N LEU A 329 -0.53 5.61 1.35
CA LEU A 329 -1.58 5.57 2.35
C LEU A 329 -1.45 6.75 3.30
N LEU A 330 -2.25 7.79 3.05
CA LEU A 330 -2.08 9.08 3.71
C LEU A 330 -2.39 8.99 5.20
N MET A 331 -3.47 8.29 5.54
CA MET A 331 -3.94 8.22 6.91
C MET A 331 -4.05 6.77 7.37
N VAL A 332 -3.89 6.56 8.67
CA VAL A 332 -4.31 5.33 9.32
C VAL A 332 -5.01 5.69 10.63
N MET A 333 -6.01 4.90 11.00
CA MET A 333 -6.97 5.35 12.01
C MET A 333 -7.34 4.25 12.99
N ARG A 334 -7.56 4.64 14.24
CA ARG A 334 -8.16 3.77 15.24
C ARG A 334 -9.36 4.44 15.89
N MET A 335 -10.28 3.63 16.39
CA MET A 335 -11.35 4.11 17.27
C MET A 335 -10.90 3.97 18.72
N VAL A 336 -10.84 5.10 19.42
CA VAL A 336 -10.29 5.12 20.77
C VAL A 336 -11.30 4.53 21.75
N LYS A 337 -11.03 3.31 22.21
CA LYS A 337 -11.95 2.56 23.04
C LYS A 337 -11.76 2.88 24.51
N ALA A 338 -10.57 2.57 25.02
CA ALA A 338 -10.06 3.24 26.21
C ALA A 338 -9.55 4.62 25.80
N GLU A 339 -9.06 5.39 26.76
CA GLU A 339 -8.51 6.70 26.45
C GLU A 339 -6.98 6.70 26.59
N VAL A 340 -6.31 7.27 25.60
CA VAL A 340 -4.86 7.16 25.50
C VAL A 340 -4.20 8.53 25.52
N LYS A 341 -3.09 8.63 26.22
CA LYS A 341 -2.36 9.90 26.34
C LYS A 341 -1.19 9.93 25.36
N VAL A 342 -0.97 11.11 24.77
CA VAL A 342 0.05 11.28 23.75
C VAL A 342 0.85 12.55 24.05
N GLY A 343 2.14 12.38 24.35
CA GLY A 343 2.93 13.46 24.92
C GLY A 343 2.31 13.97 26.21
N SER A 344 1.77 15.19 26.16
CA SER A 344 1.14 15.79 27.34
C SER A 344 -0.34 16.01 27.10
N TYR A 345 -0.82 15.61 25.92
CA TYR A 345 -2.26 15.64 25.63
C TYR A 345 -2.87 14.28 25.91
N VAL A 346 -4.20 14.23 26.00
CA VAL A 346 -4.90 12.96 26.16
C VAL A 346 -6.05 12.84 25.19
N VAL A 347 -6.22 11.63 24.66
CA VAL A 347 -7.21 11.39 23.61
C VAL A 347 -8.42 10.65 24.18
N PRO A 348 -9.61 11.25 24.04
CA PRO A 348 -10.81 10.83 24.74
C PRO A 348 -11.45 9.65 24.01
N LYS A 349 -11.79 8.61 24.76
CA LYS A 349 -12.47 7.46 24.17
C LYS A 349 -13.79 7.93 23.57
N GLY A 350 -13.97 7.66 22.28
CA GLY A 350 -15.05 8.24 21.50
C GLY A 350 -14.48 9.05 20.34
N ASP A 351 -13.21 9.41 20.48
CA ASP A 351 -12.48 10.11 19.44
C ASP A 351 -11.96 9.12 18.40
N ILE A 352 -11.81 9.55 17.16
CA ILE A 352 -10.98 8.83 16.20
C ILE A 352 -9.56 9.35 16.33
N ILE A 353 -8.64 8.47 16.70
CA ILE A 353 -7.22 8.79 16.65
C ILE A 353 -6.63 8.37 15.30
N ALA A 354 -5.96 9.32 14.65
CA ALA A 354 -5.31 9.06 13.38
C ALA A 354 -3.80 9.26 13.50
N CYS A 355 -3.07 8.66 12.56
CA CYS A 355 -1.64 8.89 12.41
C CYS A 355 -1.34 8.87 10.91
N SER A 356 -0.51 9.81 10.46
CA SER A 356 -0.41 10.09 9.04
C SER A 356 1.02 9.97 8.53
N PRO A 357 1.27 8.96 7.70
CA PRO A 357 2.57 8.92 7.02
C PRO A 357 2.84 10.20 6.24
N LEU A 358 1.79 10.79 5.67
CA LEU A 358 1.94 11.95 4.80
C LEU A 358 2.52 13.13 5.58
N LEU A 359 1.86 13.50 6.67
CA LEU A 359 2.30 14.62 7.50
C LEU A 359 3.63 14.29 8.16
N SER A 360 3.68 13.15 8.85
CA SER A 360 4.86 12.73 9.61
C SER A 360 6.12 12.78 8.75
N HIS A 361 6.01 12.30 7.51
CA HIS A 361 7.17 12.24 6.62
C HIS A 361 7.54 13.61 6.08
N HIS A 362 6.85 14.64 6.57
CA HIS A 362 7.11 16.01 6.13
C HIS A 362 7.46 16.91 7.32
N ASP A 363 7.50 16.31 8.50
CA ASP A 363 8.16 16.90 9.65
C ASP A 363 9.65 17.09 9.31
N GLU A 364 10.19 18.25 9.66
CA GLU A 364 11.49 18.67 9.14
C GLU A 364 12.63 18.26 10.06
N GLU A 365 12.35 18.14 11.35
CA GLU A 365 13.29 17.54 12.29
C GLU A 365 13.55 16.09 11.89
N ALA A 366 12.47 15.40 11.51
CA ALA A 366 12.56 14.02 11.06
C ALA A 366 13.13 13.95 9.64
N PHE A 367 12.58 14.76 8.75
CA PHE A 367 12.93 14.69 7.33
C PHE A 367 13.13 16.06 6.72
N PRO A 368 14.31 16.66 6.95
CA PRO A 368 14.70 17.91 6.30
C PRO A 368 14.44 17.88 4.80
N ASN A 369 13.98 19.01 4.27
CA ASN A 369 13.74 19.12 2.83
C ASN A 369 12.81 18.01 2.36
N PRO A 370 11.64 17.87 3.01
CA PRO A 370 10.91 16.62 2.90
C PRO A 370 10.33 16.35 1.51
N ARG A 371 10.27 17.38 0.66
CA ARG A 371 9.81 17.17 -0.71
C ARG A 371 10.98 16.86 -1.62
N LEU A 372 12.19 17.01 -1.09
CA LEU A 372 13.38 16.53 -1.78
C LEU A 372 13.48 15.01 -1.73
N TRP A 373 13.89 14.42 -2.85
CA TRP A 373 14.09 12.97 -2.91
C TRP A 373 15.56 12.63 -2.70
N ASP A 374 15.88 12.13 -1.51
CA ASP A 374 17.22 11.64 -1.22
C ASP A 374 17.13 10.23 -0.66
N PRO A 375 17.29 9.22 -1.53
CA PRO A 375 17.38 7.83 -1.12
C PRO A 375 18.39 7.63 0.02
N GLU A 376 19.47 8.41 -0.02
CA GLU A 376 20.55 8.25 0.93
C GLU A 376 20.36 9.18 2.13
N ARG A 377 19.11 9.50 2.42
CA ARG A 377 18.81 10.23 3.65
C ARG A 377 18.43 9.20 4.71
N ASP A 378 18.60 9.59 5.97
CA ASP A 378 18.17 8.74 7.06
C ASP A 378 17.31 9.53 8.04
N GLU A 379 16.29 8.87 8.58
CA GLU A 379 15.38 9.52 9.52
C GLU A 379 16.15 9.98 10.75
N LYS A 380 15.93 11.22 11.16
CA LYS A 380 16.70 11.81 12.25
C LYS A 380 15.91 11.77 13.56
N VAL A 381 14.65 11.37 13.45
CA VAL A 381 13.89 10.89 14.59
C VAL A 381 13.57 9.41 14.38
N ASP A 382 14.07 8.56 15.26
CA ASP A 382 13.88 7.13 15.09
C ASP A 382 12.41 6.80 15.18
N GLY A 383 11.85 6.32 14.07
CA GLY A 383 10.46 5.88 14.04
C GLY A 383 9.61 6.76 13.14
N ALA A 384 10.19 7.88 12.71
CA ALA A 384 9.49 8.82 11.84
C ALA A 384 8.82 8.09 10.68
N PHE A 385 9.61 7.35 9.90
CA PHE A 385 9.06 6.66 8.73
C PHE A 385 8.06 5.61 9.18
N ILE A 386 6.84 5.71 8.66
CA ILE A 386 5.76 4.81 9.06
C ILE A 386 5.02 4.33 7.82
N GLY A 387 5.67 4.45 6.67
CA GLY A 387 5.11 4.01 5.40
C GLY A 387 4.46 2.65 5.47
N PHE A 388 5.14 1.71 6.14
CA PHE A 388 4.58 0.37 6.33
C PHE A 388 3.92 0.25 7.69
N GLY A 389 3.65 1.39 8.30
CA GLY A 389 3.06 1.41 9.64
C GLY A 389 4.08 0.96 10.67
N ALA A 390 3.59 0.65 11.87
CA ALA A 390 4.48 0.31 12.97
C ALA A 390 3.75 -0.45 14.07
N GLY A 391 4.51 -0.81 15.10
CA GLY A 391 3.93 -1.38 16.32
C GLY A 391 3.21 -2.70 16.09
N VAL A 392 2.04 -2.83 16.69
CA VAL A 392 1.27 -4.07 16.59
C VAL A 392 0.58 -4.18 15.24
N HIS A 393 0.66 -3.12 14.43
CA HIS A 393 0.09 -3.13 13.10
C HIS A 393 1.17 -2.80 12.07
N LYS A 394 2.21 -3.62 12.06
CA LYS A 394 3.24 -3.53 11.03
C LYS A 394 2.78 -4.31 9.80
N CYS A 395 2.87 -3.66 8.64
CA CYS A 395 2.51 -4.28 7.38
C CYS A 395 3.19 -5.64 7.23
N ILE A 396 2.45 -6.63 6.75
CA ILE A 396 3.00 -7.97 6.53
C ILE A 396 3.35 -8.19 5.06
N GLY A 397 2.95 -7.25 4.20
CA GLY A 397 3.26 -7.34 2.77
C GLY A 397 4.62 -6.76 2.45
N GLN A 398 5.20 -6.09 3.44
CA GLN A 398 6.33 -5.19 3.19
C GLN A 398 7.49 -5.83 2.44
N LYS A 399 7.98 -6.98 2.90
CA LYS A 399 9.18 -7.56 2.31
C LYS A 399 8.91 -8.06 0.91
N PHE A 400 7.65 -8.37 0.64
CA PHE A 400 7.25 -8.93 -0.65
C PHE A 400 7.15 -7.81 -1.67
N ALA A 401 6.35 -6.80 -1.34
CA ALA A 401 6.26 -5.60 -2.16
C ALA A 401 7.65 -5.08 -2.45
N LEU A 402 8.44 -4.96 -1.39
CA LEU A 402 9.84 -4.54 -1.52
C LEU A 402 10.59 -5.43 -2.50
N LEU A 403 10.15 -6.68 -2.64
CA LEU A 403 10.82 -7.63 -3.51
C LEU A 403 10.26 -7.58 -4.93
N GLN A 404 8.94 -7.46 -5.04
CA GLN A 404 8.32 -7.10 -6.31
C GLN A 404 9.05 -5.90 -6.89
N VAL A 405 8.93 -4.78 -6.18
CA VAL A 405 9.35 -3.47 -6.68
C VAL A 405 10.81 -3.45 -7.06
N LYS A 406 11.66 -4.03 -6.20
CA LYS A 406 13.09 -4.01 -6.44
C LYS A 406 13.43 -4.74 -7.74
N THR A 407 12.77 -5.88 -7.95
CA THR A 407 13.06 -6.71 -9.10
C THR A 407 12.53 -6.09 -10.38
N ILE A 408 11.32 -5.53 -10.31
CA ILE A 408 10.75 -4.81 -11.44
C ILE A 408 11.71 -3.71 -11.86
N LEU A 409 12.13 -2.90 -10.90
CA LEU A 409 13.10 -1.85 -11.16
C LEU A 409 14.31 -2.41 -11.89
N ALA A 410 14.96 -3.38 -11.25
CA ALA A 410 16.20 -3.93 -11.78
C ALA A 410 16.02 -4.38 -13.22
N THR A 411 14.98 -5.17 -13.47
CA THR A 411 14.71 -5.66 -14.80
C THR A 411 14.53 -4.52 -15.79
N ALA A 412 13.79 -3.49 -15.38
CA ALA A 412 13.43 -2.40 -16.29
C ALA A 412 14.60 -1.46 -16.54
N PHE A 413 15.16 -0.89 -15.47
CA PHE A 413 16.35 -0.05 -15.62
C PHE A 413 17.53 -0.91 -16.08
N ARG A 414 17.24 -2.18 -16.31
CA ARG A 414 18.20 -3.17 -16.78
C ARG A 414 18.63 -2.99 -18.24
N GLU A 415 17.66 -2.84 -19.13
CA GLU A 415 17.91 -3.02 -20.56
C GLU A 415 17.40 -1.80 -21.32
N TYR A 416 17.33 -0.70 -20.59
CA TYR A 416 16.46 0.40 -21.00
C TYR A 416 17.07 1.70 -20.53
N ASP A 417 16.61 2.80 -21.13
CA ASP A 417 16.65 4.06 -20.43
C ASP A 417 15.28 4.73 -20.53
N PHE A 418 14.99 5.59 -19.55
CA PHE A 418 13.69 6.25 -19.51
C PHE A 418 13.79 7.76 -19.58
N GLN A 419 12.76 8.38 -20.17
CA GLN A 419 12.65 9.83 -20.25
C GLN A 419 11.25 10.28 -19.81
N LEU A 420 11.21 11.39 -19.09
CA LEU A 420 9.94 11.97 -18.66
C LEU A 420 9.58 13.19 -19.52
N LEU A 421 8.38 13.17 -20.09
CA LEU A 421 7.96 14.25 -21.00
C LEU A 421 8.06 15.61 -20.31
N ARG A 422 8.12 15.57 -18.98
CA ARG A 422 7.92 16.76 -18.16
C ARG A 422 9.22 17.35 -17.62
N ASP A 423 9.16 18.62 -17.20
CA ASP A 423 10.31 19.28 -16.62
C ASP A 423 10.53 18.84 -15.18
N GLU A 424 9.45 18.47 -14.49
CA GLU A 424 9.58 17.86 -13.17
C GLU A 424 8.43 16.94 -12.81
N VAL A 425 8.58 16.24 -11.68
CA VAL A 425 7.91 14.98 -11.44
C VAL A 425 6.42 15.20 -11.18
N PRO A 426 5.59 14.18 -11.47
CA PRO A 426 4.16 14.43 -11.36
C PRO A 426 3.71 14.82 -9.95
N ASP A 427 2.55 15.44 -9.88
CA ASP A 427 1.95 15.84 -8.61
C ASP A 427 1.16 14.69 -8.01
N PRO A 428 1.29 14.50 -6.69
CA PRO A 428 0.48 13.58 -5.91
C PRO A 428 -1.00 13.93 -5.96
N ASP A 429 -1.77 13.20 -6.76
CA ASP A 429 -3.22 13.38 -6.79
C ASP A 429 -3.83 12.84 -5.50
N TYR A 430 -4.21 13.76 -4.62
CA TYR A 430 -4.70 13.41 -3.29
C TYR A 430 -6.19 13.12 -3.31
N HIS A 431 -6.71 12.85 -4.51
CA HIS A 431 -8.15 12.77 -4.72
C HIS A 431 -8.61 11.33 -4.87
N THR A 432 -7.97 10.44 -4.12
CA THR A 432 -8.33 9.03 -4.11
C THR A 432 -8.27 8.45 -2.70
N MET A 433 -8.77 7.22 -2.55
CA MET A 433 -8.59 6.46 -1.32
C MET A 433 -7.12 6.13 -1.08
N VAL A 434 -6.43 5.68 -2.12
CA VAL A 434 -5.02 5.31 -2.03
C VAL A 434 -4.20 6.16 -2.99
N VAL A 435 -3.35 7.01 -2.44
CA VAL A 435 -2.77 8.12 -3.20
C VAL A 435 -1.47 7.75 -3.92
N GLY A 436 -1.50 7.87 -5.24
CA GLY A 436 -0.28 7.82 -6.06
C GLY A 436 -0.11 9.06 -6.91
N PRO A 437 0.83 9.02 -7.86
CA PRO A 437 1.09 10.17 -8.71
C PRO A 437 -0.02 10.41 -9.73
N THR A 438 -0.07 11.61 -10.27
CA THR A 438 -1.15 12.00 -11.19
C THR A 438 -1.21 11.08 -12.40
N LEU A 439 -2.42 10.82 -12.87
CA LEU A 439 -2.65 9.92 -14.00
C LEU A 439 -2.24 10.59 -15.30
N ASN A 440 -2.83 11.76 -15.57
CA ASN A 440 -2.60 12.47 -16.82
C ASN A 440 -1.21 13.07 -16.93
N GLN A 441 -0.40 12.86 -15.88
CA GLN A 441 0.95 13.41 -15.83
C GLN A 441 1.99 12.33 -16.03
N CYS A 442 1.56 11.08 -16.05
CA CYS A 442 2.44 9.96 -15.77
C CYS A 442 2.93 9.29 -17.05
N LEU A 443 2.86 10.01 -18.17
CA LEU A 443 3.32 9.45 -19.43
C LEU A 443 4.83 9.61 -19.57
N VAL A 444 5.45 8.59 -20.17
CA VAL A 444 6.90 8.45 -20.19
C VAL A 444 7.31 7.83 -21.51
N LYS A 445 8.34 8.38 -22.14
CA LYS A 445 8.80 7.89 -23.45
C LYS A 445 9.97 6.92 -23.29
N TYR A 446 9.74 5.65 -23.62
CA TYR A 446 10.75 4.62 -23.43
C TYR A 446 11.58 4.37 -24.68
N THR A 447 12.87 4.10 -24.49
CA THR A 447 13.74 3.67 -25.57
C THR A 447 14.61 2.48 -25.13
N ARG A 448 14.86 1.55 -26.05
CA ARG A 448 15.54 0.29 -25.74
C ARG A 448 17.07 0.44 -25.65
N LYS A 449 17.75 -0.54 -25.07
CA LYS A 449 19.11 -0.34 -24.57
C LYS A 449 20.16 -1.42 -24.84
N LYS A 450 20.25 -1.95 -26.06
CA LYS A 450 21.48 -2.60 -26.50
C LYS A 450 21.25 -3.53 -27.69
#